data_2AGI
#
_entry.id   2AGI
#
_cell.length_a   61.888
_cell.length_b   63.562
_cell.length_c   69.102
_cell.angle_alpha   90.00
_cell.angle_beta   90.00
_cell.angle_gamma   90.00
#
_symmetry.space_group_name_H-M   'P 21 21 21'
#
loop_
_entity.id
_entity.type
_entity.pdbx_description
1 polymer beta-trypsin
2 polymer leupeptin
3 non-polymer 'SULFATE ION'
4 non-polymer 'CALCIUM ION'
5 water water
#
loop_
_entity_poly.entity_id
_entity_poly.type
_entity_poly.pdbx_seq_one_letter_code
_entity_poly.pdbx_strand_id
1 'polypeptide(L)'
;IVGGYTCGANTVPYQVSLNSGYHFCGGSLINSQWVVSAAHCYKSGIQVRLGEDNINVVEGNEQFISASKSIVHPSYNSNT
LNNDIMLIKLKSAASLNSRVASISLPTSCASAGTQCLISGWGNTKSSGTSYPDVLKCLKAPILSDSSCKSAYPGQITSNM
FCAGYLEGGKDSCQGDSGGPVVCSGKLQGIVSWGSGCAQKNKPGVYTKVCNYVSWIKQTIASN
;
X
2 'polypeptide(L)' (ACE)LL(AR7) A
#
loop_
_chem_comp.id
_chem_comp.type
_chem_comp.name
_chem_comp.formula
ACE non-polymer 'ACETYL GROUP' 'C2 H4 O'
AR7 peptide-like amino{[(4S)-4-amino-5,5-dihydroxypentyl]amino}methaniminium 'C6 H17 N4 O2 1'
CA non-polymer 'CALCIUM ION' 'Ca 2'
SO4 non-polymer 'SULFATE ION' 'O4 S -2'
#
# COMPACT_ATOMS: atom_id res chain seq x y z
N ILE A 1 -1.07 -7.85 -7.52
CA ILE A 1 -2.55 -8.14 -7.24
C ILE A 1 -2.94 -9.38 -8.02
N VAL A 2 -3.45 -10.39 -7.33
CA VAL A 2 -3.94 -11.63 -7.90
C VAL A 2 -5.45 -11.55 -7.96
N GLY A 3 -6.05 -11.86 -9.12
CA GLY A 3 -7.48 -11.91 -9.23
C GLY A 3 -8.17 -10.58 -9.34
N GLY A 4 -7.39 -9.54 -9.65
CA GLY A 4 -7.91 -8.22 -9.82
C GLY A 4 -8.20 -7.89 -11.26
N TYR A 5 -8.24 -6.59 -11.52
CA TYR A 5 -8.59 -6.06 -12.84
C TYR A 5 -7.71 -4.86 -13.14
N THR A 6 -7.57 -4.56 -14.43
CA THR A 6 -6.87 -3.36 -14.85
C THR A 6 -7.64 -2.14 -14.38
N CYS A 7 -7.02 -1.28 -13.57
CA CYS A 7 -7.71 -0.13 -13.03
C CYS A 7 -8.21 0.79 -14.10
N GLY A 8 -7.35 1.08 -15.06
CA GLY A 8 -7.53 2.15 -16.02
C GLY A 8 -6.58 3.26 -15.67
N ALA A 9 -6.04 3.90 -16.69
CA ALA A 9 -4.95 4.85 -16.48
C ALA A 9 -5.39 5.97 -15.59
N ASN A 10 -4.61 6.21 -14.52
CA ASN A 10 -4.81 7.33 -13.65
C ASN A 10 -6.12 7.36 -12.86
N THR A 11 -6.78 6.21 -12.76
CA THR A 11 -8.03 6.11 -12.01
C THR A 11 -7.78 5.98 -10.51
N VAL A 12 -6.53 5.77 -10.10
CA VAL A 12 -6.13 5.68 -8.69
C VAL A 12 -5.03 6.73 -8.51
N PRO A 13 -5.38 8.01 -8.48
CA PRO A 13 -4.40 9.07 -8.71
C PRO A 13 -3.43 9.28 -7.55
N TYR A 14 -3.72 8.70 -6.40
CA TYR A 14 -2.87 8.71 -5.21
C TYR A 14 -1.86 7.58 -5.18
N GLN A 15 -1.95 6.63 -6.09
CA GLN A 15 -1.04 5.49 -6.12
C GLN A 15 0.31 5.93 -6.67
N VAL A 16 1.37 5.63 -5.96
CA VAL A 16 2.72 5.87 -6.42
C VAL A 16 3.45 4.54 -6.56
N SER A 17 4.49 4.55 -7.39
CA SER A 17 5.48 3.48 -7.50
C SER A 17 6.76 3.99 -6.92
N LEU A 18 7.35 3.21 -6.02
CA LEU A 18 8.71 3.49 -5.52
C LEU A 18 9.68 2.73 -6.40
N ASN A 19 10.67 3.48 -6.92
CA ASN A 19 11.55 2.96 -7.96
C ASN A 19 12.97 3.13 -7.57
N SER A 20 13.77 2.04 -7.73
CA SER A 20 15.24 2.09 -7.51
C SER A 20 15.94 1.49 -8.72
N GLY A 21 15.59 1.97 -9.92
CA GLY A 21 15.98 1.31 -11.15
C GLY A 21 15.06 0.22 -11.58
N TYR A 22 13.97 0.03 -10.84
CA TYR A 22 12.90 -0.92 -11.05
C TYR A 22 11.83 -0.60 -10.01
N HIS A 23 10.62 -1.01 -10.29
CA HIS A 23 9.51 -0.88 -9.31
C HIS A 23 9.72 -1.89 -8.21
N PHE A 24 9.71 -1.43 -6.96
CA PHE A 24 9.86 -2.36 -5.84
C PHE A 24 8.76 -2.32 -4.80
N CYS A 25 7.97 -1.27 -4.74
CA CYS A 25 6.89 -1.14 -3.78
C CYS A 25 5.96 -0.05 -4.22
N GLY A 26 4.77 -0.06 -3.63
CA GLY A 26 3.83 1.00 -3.79
C GLY A 26 3.87 1.98 -2.65
N GLY A 27 3.04 3.00 -2.78
CA GLY A 27 2.81 4.01 -1.77
C GLY A 27 1.60 4.84 -2.11
N SER A 28 1.22 5.72 -1.21
CA SER A 28 0.06 6.57 -1.33
C SER A 28 0.41 8.01 -1.05
N LEU A 29 0.07 8.88 -1.98
CA LEU A 29 0.29 10.33 -1.83
C LEU A 29 -0.74 10.90 -0.86
N ILE A 30 -0.31 11.51 0.23
CA ILE A 30 -1.23 12.07 1.22
C ILE A 30 -1.26 13.59 1.25
N ASN A 31 -0.30 14.24 0.64
CA ASN A 31 -0.32 15.66 0.32
C ASN A 31 0.75 15.90 -0.74
N SER A 32 0.97 17.15 -1.15
CA SER A 32 1.86 17.37 -2.28
C SER A 32 3.30 16.99 -2.00
N GLN A 33 3.69 16.84 -0.73
CA GLN A 33 5.07 16.56 -0.43
C GLN A 33 5.32 15.26 0.30
N TRP A 34 4.30 14.46 0.61
CA TRP A 34 4.48 13.27 1.45
C TRP A 34 3.72 12.08 0.97
N VAL A 35 4.39 10.94 1.09
CA VAL A 35 3.89 9.62 0.72
C VAL A 35 3.92 8.69 1.93
N VAL A 36 2.88 7.87 2.07
CA VAL A 36 2.83 6.79 3.04
C VAL A 36 3.13 5.50 2.35
N SER A 37 4.03 4.71 2.92
CA SER A 37 4.35 3.37 2.44
C SER A 37 4.63 2.44 3.64
N ALA A 38 5.20 1.27 3.37
CA ALA A 38 5.54 0.31 4.42
C ALA A 38 6.98 0.51 4.87
N ALA A 39 7.20 0.35 6.16
CA ALA A 39 8.56 0.35 6.71
C ALA A 39 9.46 -0.65 6.03
N HIS A 40 8.92 -1.81 5.71
CA HIS A 40 9.76 -2.84 5.15
C HIS A 40 10.23 -2.51 3.73
N CYS A 41 9.66 -1.49 3.13
CA CYS A 41 10.06 -0.99 1.82
C CYS A 41 11.26 -0.04 1.88
N TYR A 42 11.73 0.33 3.07
CA TYR A 42 12.82 1.29 3.18
C TYR A 42 14.05 0.79 2.45
N LYS A 43 14.70 1.70 1.72
CA LYS A 43 16.06 1.51 1.21
C LYS A 43 16.56 2.87 0.82
N SER A 44 17.85 2.96 0.52
CA SER A 44 18.43 4.12 -0.11
C SER A 44 18.02 4.23 -1.59
N GLY A 45 18.17 5.41 -2.15
CA GLY A 45 17.99 5.59 -3.57
C GLY A 45 16.57 5.52 -4.08
N ILE A 46 15.61 5.99 -3.30
CA ILE A 46 14.21 5.91 -3.74
C ILE A 46 13.84 7.08 -4.63
N GLN A 47 13.27 6.78 -5.78
CA GLN A 47 12.63 7.76 -6.64
C GLN A 47 11.14 7.44 -6.61
N VAL A 48 10.33 8.46 -6.29
CA VAL A 48 8.87 8.30 -6.28
C VAL A 48 8.35 8.63 -7.66
N ARG A 49 7.54 7.74 -8.18
CA ARG A 49 6.96 7.93 -9.52
C ARG A 49 5.45 8.04 -9.36
N LEU A 50 4.96 9.24 -9.67
CA LEU A 50 3.57 9.64 -9.59
C LEU A 50 2.94 9.70 -10.93
N GLY A 51 1.59 9.54 -11.04
CA GLY A 51 0.95 9.64 -12.34
C GLY A 51 1.17 8.46 -13.25
N GLU A 52 1.65 7.32 -12.73
CA GLU A 52 1.95 6.15 -13.55
C GLU A 52 0.75 5.32 -13.86
N ASP A 53 0.78 4.75 -15.07
CA ASP A 53 -0.06 3.61 -15.40
C ASP A 53 0.85 2.49 -15.86
N ASN A 54 1.33 2.51 -17.11
CA ASN A 54 2.37 1.55 -17.56
C ASN A 54 3.71 1.99 -16.97
N ILE A 55 4.23 1.20 -16.01
CA ILE A 55 5.48 1.59 -15.36
C ILE A 55 6.71 1.37 -16.22
N ASN A 56 6.55 0.76 -17.40
CA ASN A 56 7.68 0.50 -18.32
C ASN A 56 7.72 1.41 -19.50
N VAL A 57 6.75 2.32 -19.64
CA VAL A 57 6.65 3.23 -20.80
C VAL A 57 6.35 4.63 -20.28
N VAL A 58 7.03 5.63 -20.85
CA VAL A 58 6.72 7.03 -20.58
C VAL A 58 5.55 7.41 -21.43
N GLU A 59 4.37 7.57 -20.82
CA GLU A 59 3.08 7.76 -21.50
C GLU A 59 2.58 9.18 -21.46
N GLY A 60 3.16 9.99 -20.60
CA GLY A 60 2.63 11.30 -20.27
C GLY A 60 1.98 11.21 -18.90
N ASN A 61 1.99 12.33 -18.22
CA ASN A 61 1.40 12.49 -16.89
C ASN A 61 2.27 12.00 -15.72
N GLU A 62 3.42 11.42 -16.00
CA GLU A 62 4.30 11.02 -14.93
C GLU A 62 5.03 12.21 -14.31
N GLN A 63 5.29 12.10 -13.00
CA GLN A 63 6.24 12.94 -12.29
C GLN A 63 7.16 12.06 -11.51
N PHE A 64 8.47 12.20 -11.74
CA PHE A 64 9.47 11.45 -11.02
C PHE A 64 10.14 12.41 -10.05
N ILE A 65 10.10 12.13 -8.74
CA ILE A 65 10.65 13.02 -7.73
C ILE A 65 11.43 12.19 -6.73
N SER A 66 12.67 12.56 -6.47
CA SER A 66 13.43 11.85 -5.48
C SER A 66 12.90 11.99 -4.09
N ALA A 67 13.01 10.93 -3.30
CA ALA A 67 12.76 11.03 -1.86
C ALA A 67 13.86 11.87 -1.22
N SER A 68 13.50 12.84 -0.43
CA SER A 68 14.45 13.60 0.37
C SER A 68 14.52 13.11 1.84
N LYS A 69 13.45 12.52 2.37
CA LYS A 69 13.44 11.90 3.68
C LYS A 69 12.69 10.61 3.56
N SER A 70 13.17 9.56 4.23
CA SER A 70 12.46 8.30 4.35
C SER A 70 12.46 7.92 5.80
N ILE A 71 11.28 8.00 6.43
CA ILE A 71 11.15 7.93 7.88
C ILE A 71 10.36 6.70 8.24
N VAL A 72 11.09 5.64 8.62
CA VAL A 72 10.49 4.41 9.12
C VAL A 72 9.99 4.63 10.53
N HIS A 73 8.88 4.04 10.87
CA HIS A 73 8.38 4.16 12.23
C HIS A 73 9.46 3.69 13.21
N PRO A 74 9.76 4.46 14.27
CA PRO A 74 10.81 4.04 15.22
C PRO A 74 10.61 2.71 15.88
N SER A 75 9.38 2.22 15.94
CA SER A 75 9.05 0.97 16.58
C SER A 75 8.75 -0.15 15.60
N TYR A 76 9.09 0.03 14.34
CA TYR A 76 8.98 -1.06 13.36
C TYR A 76 9.80 -2.26 13.79
N ASN A 77 9.15 -3.41 13.83
CA ASN A 77 9.79 -4.67 14.20
C ASN A 77 9.84 -5.57 12.99
N SER A 78 11.04 -5.87 12.51
CA SER A 78 11.22 -6.61 11.27
C SER A 78 10.94 -8.12 11.41
N ASN A 79 10.74 -8.59 12.62
CA ASN A 79 10.33 -9.96 12.83
C ASN A 79 8.84 -10.16 12.98
N THR A 80 8.17 -9.33 13.79
CA THR A 80 6.71 -9.41 13.91
C THR A 80 5.98 -8.59 12.87
N LEU A 81 6.67 -7.65 12.25
CA LEU A 81 6.12 -6.75 11.26
C LEU A 81 5.18 -5.73 11.85
N ASN A 82 5.19 -5.60 13.17
CA ASN A 82 4.39 -4.54 13.81
C ASN A 82 4.94 -3.16 13.43
N ASN A 83 4.04 -2.20 13.31
CA ASN A 83 4.36 -0.84 12.94
C ASN A 83 5.00 -0.73 11.55
N ASP A 84 4.42 -1.45 10.60
CA ASP A 84 4.96 -1.46 9.23
C ASP A 84 4.45 -0.26 8.45
N ILE A 85 5.05 0.90 8.73
CA ILE A 85 4.69 2.17 8.11
C ILE A 85 5.95 3.04 7.99
N MET A 86 6.01 3.78 6.89
CA MET A 86 7.05 4.72 6.59
C MET A 86 6.47 5.92 5.92
N LEU A 87 7.04 7.09 6.22
CA LEU A 87 6.74 8.33 5.52
C LEU A 87 7.90 8.73 4.62
N ILE A 88 7.58 9.13 3.40
CA ILE A 88 8.59 9.64 2.45
C ILE A 88 8.25 11.07 2.16
N LYS A 89 9.22 11.95 2.35
CA LYS A 89 9.09 13.35 1.93
C LYS A 89 9.72 13.48 0.55
N LEU A 90 9.02 14.12 -0.34
CA LEU A 90 9.48 14.40 -1.70
C LEU A 90 10.44 15.59 -1.72
N LYS A 91 11.45 15.53 -2.58
CA LYS A 91 12.43 16.63 -2.67
C LYS A 91 11.79 17.92 -3.09
N SER A 92 10.81 17.84 -3.99
CA SER A 92 9.98 18.95 -4.40
C SER A 92 8.55 18.53 -4.35
N ALA A 93 7.65 19.48 -4.19
CA ALA A 93 6.23 19.17 -4.19
C ALA A 93 5.77 18.67 -5.54
N ALA A 94 4.92 17.67 -5.52
CA ALA A 94 4.28 17.20 -6.71
C ALA A 94 3.28 18.25 -7.18
N SER A 95 3.03 18.29 -8.49
CA SER A 95 1.98 19.13 -9.06
C SER A 95 0.70 18.33 -9.04
N LEU A 96 -0.27 18.81 -8.30
CA LEU A 96 -1.50 18.05 -8.18
C LEU A 96 -2.52 18.54 -9.21
N ASN A 97 -3.23 17.57 -9.76
CA ASN A 97 -4.14 17.66 -10.93
C ASN A 97 -5.08 16.41 -10.94
N SER A 98 -5.92 16.13 -11.95
CA SER A 98 -6.84 15.00 -11.80
C SER A 98 -6.13 13.65 -11.76
N ARG A 99 -4.97 13.56 -12.39
CA ARG A 99 -4.21 12.32 -12.48
C ARG A 99 -3.20 12.10 -11.34
N VAL A 100 -2.89 13.15 -10.59
CA VAL A 100 -2.01 13.07 -9.44
C VAL A 100 -2.70 13.82 -8.32
N ALA A 101 -3.16 13.10 -7.31
CA ALA A 101 -3.99 13.65 -6.27
C ALA A 101 -3.72 12.91 -4.97
N SER A 102 -3.92 13.60 -3.86
CA SER A 102 -3.75 13.01 -2.55
C SER A 102 -5.00 12.22 -2.15
N ILE A 103 -4.81 11.31 -1.21
CA ILE A 103 -5.86 10.56 -0.53
C ILE A 103 -5.90 11.00 0.93
N SER A 104 -7.11 11.15 1.46
CA SER A 104 -7.32 11.56 2.83
C SER A 104 -6.93 10.45 3.81
N LEU A 105 -6.40 10.85 4.95
CA LEU A 105 -6.22 9.98 6.09
C LEU A 105 -7.55 9.76 6.81
N PRO A 106 -7.70 8.63 7.50
CA PRO A 106 -8.93 8.35 8.23
C PRO A 106 -9.10 9.27 9.42
N THR A 107 -10.35 9.51 9.78
CA THR A 107 -10.68 10.17 11.04
C THR A 107 -11.10 9.13 12.08
N SER A 108 -11.56 7.92 11.68
CA SER A 108 -11.87 6.75 12.50
C SER A 108 -11.47 5.51 11.76
N CYS A 109 -11.35 4.43 12.50
CA CYS A 109 -11.01 3.15 11.96
C CYS A 109 -12.23 2.59 11.21
N ALA A 110 -11.95 1.70 10.30
CA ALA A 110 -12.99 1.03 9.54
C ALA A 110 -13.43 -0.26 10.20
N SER A 111 -14.68 -0.63 9.95
CA SER A 111 -15.31 -1.77 10.58
C SER A 111 -15.15 -3.01 9.72
N ALA A 112 -15.24 -4.28 10.27
CA ALA A 112 -15.37 -5.49 9.53
C ALA A 112 -16.47 -5.36 8.50
N GLY A 113 -16.19 -5.85 7.30
CA GLY A 113 -17.12 -5.85 6.20
C GLY A 113 -17.04 -4.64 5.31
N THR A 114 -16.29 -3.62 5.70
CA THR A 114 -16.11 -2.45 4.88
C THR A 114 -15.39 -2.84 3.57
N GLN A 115 -15.88 -2.38 2.43
CA GLN A 115 -15.29 -2.69 1.14
C GLN A 115 -14.22 -1.65 0.84
N CYS A 116 -13.11 -2.12 0.31
CA CYS A 116 -11.96 -1.28 0.03
C CYS A 116 -11.41 -1.55 -1.33
N LEU A 117 -10.58 -0.65 -1.80
CA LEU A 117 -9.86 -0.79 -3.08
C LEU A 117 -8.37 -0.92 -2.75
N ILE A 118 -7.80 -2.01 -3.24
CA ILE A 118 -6.38 -2.31 -3.05
C ILE A 118 -5.75 -2.31 -4.46
N SER A 119 -4.57 -1.70 -4.59
CA SER A 119 -3.97 -1.55 -5.90
C SER A 119 -2.47 -1.68 -5.92
N GLY A 120 -1.93 -2.05 -7.07
CA GLY A 120 -0.48 -2.16 -7.20
C GLY A 120 -0.04 -2.80 -8.50
N TRP A 121 1.27 -2.81 -8.65
CA TRP A 121 1.99 -3.42 -9.78
C TRP A 121 2.68 -4.69 -9.39
N GLY A 122 2.24 -5.36 -8.33
CA GLY A 122 2.81 -6.62 -7.91
C GLY A 122 2.38 -7.82 -8.69
N ASN A 123 2.90 -8.96 -8.25
CA ASN A 123 2.65 -10.26 -8.90
C ASN A 123 1.17 -10.51 -9.06
N THR A 124 0.78 -11.03 -10.22
CA THR A 124 -0.60 -11.36 -10.55
C THR A 124 -0.89 -12.86 -10.50
N LYS A 125 0.11 -13.65 -10.11
CA LYS A 125 -0.04 -15.10 -9.96
C LYS A 125 0.11 -15.59 -8.51
N SER A 126 -0.73 -16.57 -8.17
CA SER A 126 -0.72 -17.22 -6.86
C SER A 126 0.36 -18.30 -6.80
N SER A 127 0.72 -18.83 -7.97
CA SER A 127 1.85 -19.76 -8.08
C SER A 127 2.69 -19.30 -9.27
N GLY A 128 3.96 -19.07 -9.02
CA GLY A 128 4.83 -18.52 -10.04
C GLY A 128 4.76 -17.01 -9.97
N THR A 129 5.24 -16.38 -11.03
CA THR A 129 5.34 -14.92 -11.08
C THR A 129 5.00 -14.36 -12.44
N SER A 130 4.24 -13.28 -12.44
CA SER A 130 3.97 -12.47 -13.61
C SER A 130 3.74 -11.05 -13.10
N TYR A 131 4.52 -10.11 -13.60
CA TYR A 131 4.42 -8.73 -13.17
C TYR A 131 3.82 -7.91 -14.28
N PRO A 132 2.81 -7.12 -13.98
CA PRO A 132 2.08 -6.38 -15.01
C PRO A 132 2.77 -5.11 -15.41
N ASP A 133 2.43 -4.62 -16.59
CA ASP A 133 2.84 -3.27 -17.00
C ASP A 133 1.99 -2.20 -16.34
N VAL A 134 0.67 -2.44 -16.35
CA VAL A 134 -0.27 -1.45 -15.91
C VAL A 134 -0.78 -1.73 -14.50
N LEU A 135 -1.38 -0.71 -13.90
CA LEU A 135 -1.81 -0.80 -12.50
C LEU A 135 -3.02 -1.73 -12.41
N LYS A 136 -3.02 -2.60 -11.39
CA LYS A 136 -4.11 -3.53 -11.10
C LYS A 136 -4.80 -3.12 -9.82
N CYS A 137 -6.08 -3.49 -9.76
CA CYS A 137 -6.99 -3.11 -8.69
C CYS A 137 -7.74 -4.34 -8.19
N LEU A 138 -8.14 -4.29 -6.93
CA LEU A 138 -8.97 -5.37 -6.35
C LEU A 138 -9.89 -4.73 -5.34
N LYS A 139 -11.17 -5.09 -5.41
CA LYS A 139 -12.11 -4.72 -4.37
C LYS A 139 -12.12 -5.82 -3.33
N ALA A 140 -12.01 -5.47 -2.07
CA ALA A 140 -11.87 -6.49 -1.00
C ALA A 140 -12.43 -5.96 0.30
N PRO A 141 -13.08 -6.83 1.08
CA PRO A 141 -13.59 -6.42 2.38
C PRO A 141 -12.59 -6.63 3.51
N ILE A 142 -12.74 -5.79 4.54
CA ILE A 142 -12.03 -6.00 5.81
C ILE A 142 -12.67 -7.15 6.55
N LEU A 143 -11.87 -8.06 7.05
CA LEU A 143 -12.37 -9.19 7.78
C LEU A 143 -12.48 -8.91 9.27
N SER A 144 -13.28 -9.73 9.96
CA SER A 144 -13.38 -9.60 11.40
C SER A 144 -12.06 -9.89 12.08
N ASP A 145 -11.88 -9.33 13.27
CA ASP A 145 -10.69 -9.62 14.07
C ASP A 145 -10.58 -11.07 14.49
C ASP A 145 -10.59 -11.12 14.32
N SER A 146 -11.72 -11.75 14.68
CA SER A 146 -11.68 -13.17 15.02
C SER A 146 -11.24 -14.01 13.84
N SER A 147 -11.73 -13.69 12.62
CA SER A 147 -11.31 -14.44 11.46
C SER A 147 -9.84 -14.20 11.14
N CYS A 148 -9.38 -12.97 11.32
CA CYS A 148 -8.00 -12.64 11.07
C CYS A 148 -7.06 -13.40 12.02
N LYS A 149 -7.40 -13.43 13.30
CA LYS A 149 -6.61 -14.16 14.30
C LYS A 149 -6.70 -15.63 14.15
N SER A 150 -7.81 -16.18 13.66
CA SER A 150 -7.90 -17.59 13.34
C SER A 150 -6.99 -17.95 12.18
N ALA A 151 -6.88 -17.07 11.19
CA ALA A 151 -6.04 -17.33 10.06
C ALA A 151 -4.55 -17.27 10.43
N TYR A 152 -4.21 -16.34 11.32
CA TYR A 152 -2.81 -16.07 11.65
C TYR A 152 -2.61 -16.00 13.19
N PRO A 153 -2.78 -17.11 13.90
CA PRO A 153 -2.73 -17.11 15.36
C PRO A 153 -1.40 -16.64 15.88
N GLY A 154 -1.46 -15.76 16.89
CA GLY A 154 -0.27 -15.21 17.49
C GLY A 154 0.49 -14.20 16.69
N GLN A 155 -0.01 -13.81 15.51
CA GLN A 155 0.72 -12.94 14.58
C GLN A 155 0.05 -11.64 14.25
C GLN A 155 0.11 -11.56 14.41
N ILE A 156 -1.16 -11.39 14.71
CA ILE A 156 -1.89 -10.18 14.40
C ILE A 156 -1.87 -9.26 15.60
N THR A 157 -1.26 -8.09 15.44
CA THR A 157 -1.25 -7.09 16.47
C THR A 157 -2.42 -6.12 16.30
N SER A 158 -2.57 -5.22 17.24
CA SER A 158 -3.57 -4.16 17.16
C SER A 158 -3.34 -3.21 16.00
N ASN A 159 -2.16 -3.26 15.39
CA ASN A 159 -1.80 -2.39 14.28
C ASN A 159 -1.89 -3.07 12.93
N MET A 160 -2.65 -4.15 12.86
CA MET A 160 -2.86 -4.93 11.65
C MET A 160 -4.32 -5.27 11.48
N PHE A 161 -4.77 -5.43 10.24
CA PHE A 161 -6.04 -6.05 9.95
C PHE A 161 -5.89 -6.94 8.71
N CYS A 162 -6.83 -7.86 8.56
CA CYS A 162 -6.92 -8.68 7.40
C CYS A 162 -7.97 -8.18 6.46
N ALA A 163 -7.74 -8.34 5.17
CA ALA A 163 -8.74 -8.04 4.13
C ALA A 163 -8.57 -9.01 3.02
N GLY A 164 -9.68 -9.27 2.33
CA GLY A 164 -9.69 -10.16 1.21
C GLY A 164 -10.71 -11.28 1.33
N TYR A 165 -10.28 -12.47 0.91
CA TYR A 165 -11.19 -13.56 0.58
C TYR A 165 -10.64 -14.87 1.02
N LEU A 166 -11.33 -15.57 1.88
CA LEU A 166 -10.85 -16.81 2.43
C LEU A 166 -10.94 -17.96 1.44
N GLU A 167 -11.72 -17.83 0.36
CA GLU A 167 -11.89 -18.87 -0.64
C GLU A 167 -10.74 -18.97 -1.60
N GLY A 168 -9.80 -18.04 -1.55
CA GLY A 168 -8.67 -18.04 -2.45
C GLY A 168 -8.95 -17.27 -3.71
N GLY A 169 -7.86 -16.92 -4.42
CA GLY A 169 -7.96 -16.34 -5.76
C GLY A 169 -7.90 -14.85 -5.92
N LYS A 170 -8.00 -14.10 -4.83
CA LYS A 170 -8.08 -12.64 -4.88
C LYS A 170 -7.28 -12.08 -3.72
N ASP A 171 -6.19 -11.38 -3.99
CA ASP A 171 -5.32 -10.89 -2.91
C ASP A 171 -4.31 -9.89 -3.46
N SER A 172 -3.63 -9.16 -2.58
CA SER A 172 -2.37 -8.49 -2.93
C SER A 172 -1.22 -9.50 -2.84
N CYS A 173 -0.02 -9.07 -3.26
CA CYS A 173 1.08 -10.00 -3.39
C CYS A 173 2.42 -9.24 -3.31
N GLN A 174 3.51 -9.98 -3.44
CA GLN A 174 4.82 -9.34 -3.57
C GLN A 174 4.77 -8.33 -4.71
N GLY A 175 5.45 -7.20 -4.48
CA GLY A 175 5.43 -6.08 -5.40
C GLY A 175 4.35 -5.06 -5.10
N ASP A 176 3.35 -5.43 -4.30
CA ASP A 176 2.28 -4.53 -3.90
C ASP A 176 2.57 -3.86 -2.57
N SER A 177 3.57 -4.30 -1.80
CA SER A 177 3.82 -3.79 -0.47
C SER A 177 3.98 -2.31 -0.50
N GLY A 178 3.47 -1.69 0.55
CA GLY A 178 3.49 -0.26 0.73
C GLY A 178 2.33 0.44 0.07
N GLY A 179 1.57 -0.25 -0.80
CA GLY A 179 0.48 0.41 -1.47
C GLY A 179 -0.78 0.53 -0.66
N PRO A 180 -1.76 1.17 -1.26
CA PRO A 180 -2.97 1.60 -0.56
C PRO A 180 -4.04 0.53 -0.40
N VAL A 181 -4.76 0.66 0.71
CA VAL A 181 -6.07 0.06 0.92
C VAL A 181 -6.97 1.23 1.26
N VAL A 182 -7.86 1.63 0.33
CA VAL A 182 -8.71 2.81 0.49
C VAL A 182 -10.13 2.36 0.62
N CYS A 183 -10.78 2.91 1.63
CA CYS A 183 -12.17 2.51 1.97
C CYS A 183 -12.96 3.78 2.17
N SER A 184 -14.02 3.95 1.38
CA SER A 184 -14.84 5.18 1.49
C SER A 184 -13.99 6.47 1.46
N GLY A 185 -13.01 6.49 0.57
CA GLY A 185 -12.22 7.68 0.39
C GLY A 185 -11.13 7.96 1.38
N LYS A 186 -10.83 6.99 2.26
CA LYS A 186 -9.81 7.14 3.30
C LYS A 186 -8.79 6.03 3.14
N LEU A 187 -7.50 6.43 3.39
CA LEU A 187 -6.44 5.43 3.42
C LEU A 187 -6.43 4.66 4.75
N GLN A 188 -7.05 3.49 4.75
CA GLN A 188 -7.15 2.71 5.97
C GLN A 188 -6.07 1.66 6.12
N GLY A 189 -5.42 1.25 5.03
CA GLY A 189 -4.42 0.20 5.12
C GLY A 189 -3.24 0.46 4.23
N ILE A 190 -2.18 -0.28 4.55
CA ILE A 190 -0.93 -0.41 3.76
C ILE A 190 -0.66 -1.86 3.53
N VAL A 191 -0.43 -2.25 2.28
CA VAL A 191 -0.08 -3.62 1.95
C VAL A 191 1.19 -3.99 2.75
N SER A 192 1.08 -5.05 3.56
CA SER A 192 2.16 -5.45 4.48
C SER A 192 2.65 -6.86 4.28
N TRP A 193 1.83 -7.88 4.54
CA TRP A 193 2.32 -9.25 4.51
C TRP A 193 1.17 -10.23 4.33
N GLY A 194 1.53 -11.48 4.12
CA GLY A 194 0.57 -12.58 4.10
C GLY A 194 1.31 -13.89 3.91
N SER A 195 0.64 -15.02 4.12
CA SER A 195 1.24 -16.31 3.83
C SER A 195 0.90 -16.68 2.42
N GLY A 196 1.93 -16.78 1.45
CA GLY A 196 1.64 -16.90 0.03
C GLY A 196 0.85 -15.73 -0.48
N CYS A 197 0.19 -15.93 -1.60
CA CYS A 197 -0.77 -14.92 -2.08
C CYS A 197 -1.98 -15.64 -2.64
N ALA A 198 -3.14 -15.13 -2.28
CA ALA A 198 -4.39 -15.64 -2.78
C ALA A 198 -4.63 -17.10 -2.45
N GLN A 199 -4.05 -17.54 -1.34
CA GLN A 199 -4.24 -18.90 -0.87
C GLN A 199 -5.48 -19.00 0.00
N LYS A 200 -6.13 -20.15 -0.05
CA LYS A 200 -7.31 -20.39 0.80
C LYS A 200 -6.94 -20.20 2.26
N ASN A 201 -7.80 -19.49 2.97
CA ASN A 201 -7.69 -19.29 4.41
C ASN A 201 -6.49 -18.45 4.85
N LYS A 202 -5.86 -17.73 3.92
CA LYS A 202 -4.67 -16.94 4.22
C LYS A 202 -4.86 -15.57 3.55
N PRO A 203 -5.63 -14.69 4.17
CA PRO A 203 -5.92 -13.38 3.58
C PRO A 203 -4.73 -12.44 3.69
N GLY A 204 -4.81 -11.30 3.05
CA GLY A 204 -3.77 -10.32 3.21
C GLY A 204 -3.83 -9.65 4.56
N VAL A 205 -2.67 -9.20 5.03
CA VAL A 205 -2.51 -8.48 6.28
C VAL A 205 -1.97 -7.11 5.96
N TYR A 206 -2.59 -6.09 6.56
CA TYR A 206 -2.40 -4.70 6.24
C TYR A 206 -2.14 -3.88 7.48
N THR A 207 -1.27 -2.88 7.37
CA THR A 207 -1.02 -1.95 8.47
C THR A 207 -2.27 -1.11 8.67
N LYS A 208 -2.67 -0.97 9.92
CA LYS A 208 -3.92 -0.26 10.31
C LYS A 208 -3.64 1.20 10.47
N VAL A 209 -3.80 1.94 9.37
CA VAL A 209 -3.39 3.32 9.28
C VAL A 209 -4.10 4.24 10.31
N CYS A 210 -5.35 3.93 10.66
CA CYS A 210 -6.04 4.81 11.62
C CYS A 210 -5.35 4.94 12.97
N ASN A 211 -4.51 3.96 13.32
CA ASN A 211 -3.73 4.01 14.55
C ASN A 211 -2.54 4.96 14.48
N TYR A 212 -2.19 5.40 13.28
CA TYR A 212 -1.01 6.20 13.05
C TYR A 212 -1.30 7.62 12.61
N VAL A 213 -2.56 8.06 12.57
CA VAL A 213 -2.85 9.37 12.03
C VAL A 213 -2.15 10.45 12.83
N SER A 214 -2.19 10.37 14.16
CA SER A 214 -1.50 11.38 14.97
C SER A 214 0.02 11.34 14.78
N TRP A 215 0.60 10.14 14.67
CA TRP A 215 2.03 10.02 14.41
C TRP A 215 2.39 10.61 13.05
N ILE A 216 1.59 10.38 12.03
CA ILE A 216 1.85 10.93 10.70
C ILE A 216 1.79 12.44 10.76
N LYS A 217 0.76 13.01 11.39
CA LYS A 217 0.60 14.44 11.43
C LYS A 217 1.75 15.09 12.19
N GLN A 218 2.13 14.50 13.33
CA GLN A 218 3.21 15.05 14.17
C GLN A 218 4.55 14.97 13.44
N THR A 219 4.79 13.88 12.69
CA THR A 219 6.05 13.68 12.00
C THR A 219 6.14 14.64 10.82
N ILE A 220 5.06 14.81 10.07
CA ILE A 220 5.05 15.76 8.99
C ILE A 220 5.29 17.17 9.52
N ALA A 221 4.61 17.54 10.60
CA ALA A 221 4.70 18.91 11.17
C ALA A 221 6.10 19.26 11.63
N SER A 222 6.88 18.26 12.03
CA SER A 222 8.23 18.49 12.54
C SER A 222 9.32 18.28 11.49
N ASN A 223 8.96 17.97 10.25
CA ASN A 223 9.91 17.70 9.18
C ASN A 223 9.62 18.53 7.96
C ACE B 1 7.29 -14.17 2.83
O ACE B 1 6.52 -14.11 1.85
CH3 ACE B 1 8.65 -14.76 2.67
N LEU B 2 6.83 -13.66 3.94
CA LEU B 2 5.56 -13.25 4.44
C LEU B 2 5.62 -12.04 3.65
N LEU B 3 6.57 -11.09 3.69
CA LEU B 3 6.52 -9.66 3.35
C LEU B 3 6.10 -9.43 1.93
N AR7 B 4 5.23 -8.45 1.73
CA AR7 B 4 4.77 -8.08 0.39
C AR7 B 4 5.35 -6.75 -0.05
C AR7 B 4 5.31 -6.70 -0.01
O AR7 B 4 6.74 -6.75 0.15
O AR7 B 4 5.29 -6.45 -1.41
CB AR7 B 4 3.25 -8.10 0.34
CG AR7 B 4 2.70 -9.52 0.42
CD AR7 B 4 1.17 -9.51 0.58
NE AR7 B 4 0.70 -10.89 0.67
CZ AR7 B 4 -0.58 -11.21 0.71
NH1 AR7 B 4 -0.97 -12.47 0.79
NH2 AR7 B 4 -1.50 -10.27 0.72
S SO4 C . 8.75 -7.85 -2.74
O1 SO4 C . 9.06 -9.27 -2.93
O2 SO4 C . 9.74 -7.30 -1.83
O3 SO4 C . 8.90 -7.26 -4.04
O4 SO4 C . 7.52 -7.64 -2.34
S SO4 D . -4.26 -14.36 19.30
O1 SO4 D . -3.86 -15.26 18.24
O2 SO4 D . -3.99 -13.03 18.75
O3 SO4 D . -5.69 -14.50 19.69
O4 SO4 D . -3.38 -14.58 20.47
CA CA E . 4.75 5.30 -17.33
#